data_5UA1
#
_entry.id   5UA1
#
_cell.length_a   61.423
_cell.length_b   79.280
_cell.length_c   116.162
_cell.angle_alpha   90.00
_cell.angle_beta   90.00
_cell.angle_gamma   90.00
#
_symmetry.space_group_name_H-M   'P 21 21 21'
#
loop_
_entity.id
_entity.type
_entity.pdbx_description
1 polymer 'HTH-type transcriptional repressor KstR'
2 polymer "DNA (5'-D(*AP*CP*TP*AP*GP*AP*AP*CP*GP*TP*GP*TP*TP*CP*TP*AP*AP*T)-3')"
3 polymer "DNA (5'-D(*AP*TP*TP*AP*GP*AP*AP*CP*AP*CP*GP*TP*TP*CP*TP*AP*GP*T)-3')"
4 non-polymer 'SULFATE ION'
5 non-polymer 'TRIETHYLENE GLYCOL'
6 water water
#
loop_
_entity_poly.entity_id
_entity_poly.type
_entity_poly.pdbx_seq_one_letter_code
_entity_poly.pdbx_strand_id
1 'polypeptide(L)'
;GAMEVAVLAESELGSEAQRERRKRILDATMAIASKGGYEAVQMRAVADRADVAVGTLYRYFPSKVHLLVSALGREFSRID
AKTDRSAVAGATPFQRLNFMVGKLNRAMQRNPLLTEAMTRAYVFADASAASEVDQVEKLIDSMFARAMANGEPTEDQYHI
ARVISDVWLSNLLAWLTRRASATDVSKRLDLAVRLLIGDQDSA
;
B,A
2 'polydeoxyribonucleotide' (DA)(DC)(DT)(DA)(DG)(DA)(DA)(DC)(DG)(DT)(DG)(DT)(DT)(DC)(DT)(DA)(DA)(DT) C,E
3 'polydeoxyribonucleotide' (DA)(DT)(DT)(DA)(DG)(DA)(DA)(DC)(DA)(DC)(DG)(DT)(DT)(DC)(DT)(DA)(DG)(DT) D,F
#
# COMPACT_ATOMS: atom_id res chain seq x y z
N LEU A 13 22.48 21.29 2.72
CA LEU A 13 23.20 20.02 2.86
C LEU A 13 23.63 19.81 4.30
N GLY A 14 24.49 20.69 4.80
CA GLY A 14 24.99 20.63 6.16
C GLY A 14 26.49 20.51 6.22
N SER A 15 27.00 20.45 7.45
CA SER A 15 28.42 20.29 7.68
C SER A 15 28.85 18.87 7.31
N GLU A 16 30.15 18.59 7.48
CA GLU A 16 30.64 17.25 7.21
C GLU A 16 30.25 16.29 8.33
N ALA A 17 30.35 16.74 9.58
CA ALA A 17 29.93 15.92 10.70
C ALA A 17 28.43 15.70 10.70
N GLN A 18 27.66 16.65 10.15
CA GLN A 18 26.22 16.45 10.01
C GLN A 18 25.92 15.38 8.96
N ARG A 19 26.67 15.38 7.85
CA ARG A 19 26.51 14.34 6.84
C ARG A 19 26.89 12.97 7.41
N GLU A 20 27.96 12.92 8.20
CA GLU A 20 28.33 11.66 8.85
C GLU A 20 27.26 11.21 9.84
N ARG A 21 26.66 12.16 10.56
CA ARG A 21 25.58 11.80 11.48
C ARG A 21 24.40 11.21 10.72
N ARG A 22 23.99 11.85 9.62
CA ARG A 22 22.89 11.33 8.83
C ARG A 22 23.21 9.92 8.33
N LYS A 23 24.41 9.73 7.79
CA LYS A 23 24.79 8.41 7.27
C LYS A 23 24.76 7.36 8.37
N ARG A 24 25.33 7.67 9.54
CA ARG A 24 25.34 6.71 10.64
C ARG A 24 23.91 6.38 11.08
N ILE A 25 23.04 7.39 11.12
CA ILE A 25 21.63 7.14 11.46
C ILE A 25 21.00 6.16 10.47
N LEU A 26 21.17 6.43 9.18
CA LEU A 26 20.53 5.58 8.18
C LEU A 26 21.11 4.17 8.17
N ASP A 27 22.42 4.05 8.38
CA ASP A 27 23.04 2.72 8.46
C ASP A 27 22.50 1.94 9.65
N ALA A 28 22.34 2.61 10.79
CA ALA A 28 21.73 1.96 11.95
C ALA A 28 20.31 1.52 11.64
N THR A 29 19.53 2.37 10.97
CA THR A 29 18.18 1.99 10.55
C THR A 29 18.20 0.73 9.70
N MET A 30 19.10 0.68 8.71
CA MET A 30 19.18 -0.49 7.83
C MET A 30 19.56 -1.74 8.61
N ALA A 31 20.51 -1.64 9.54
CA ALA A 31 20.96 -2.82 10.28
C ALA A 31 19.85 -3.34 11.20
N ILE A 32 19.26 -2.45 12.00
CA ILE A 32 18.22 -2.89 12.93
C ILE A 32 17.02 -3.43 12.17
N ALA A 33 16.63 -2.76 11.07
CA ALA A 33 15.52 -3.25 10.27
C ALA A 33 15.84 -4.61 9.66
N SER A 34 17.09 -4.83 9.25
CA SER A 34 17.48 -6.13 8.71
C SER A 34 17.38 -7.22 9.76
N LYS A 35 17.83 -6.93 10.98
CA LYS A 35 17.85 -7.97 12.02
C LYS A 35 16.49 -8.21 12.66
N GLY A 36 15.56 -7.26 12.57
CA GLY A 36 14.31 -7.42 13.30
C GLY A 36 13.02 -6.99 12.62
N GLY A 37 13.12 -6.16 11.60
CA GLY A 37 11.94 -5.73 10.86
C GLY A 37 11.41 -4.38 11.29
N TYR A 38 10.14 -4.17 10.99
CA TYR A 38 9.52 -2.86 11.21
C TYR A 38 9.33 -2.57 12.70
N GLU A 39 8.88 -3.56 13.46
CA GLU A 39 8.70 -3.34 14.89
C GLU A 39 10.03 -3.16 15.62
N ALA A 40 11.13 -3.60 15.00
CA ALA A 40 12.42 -3.54 15.68
C ALA A 40 13.08 -2.19 15.54
N VAL A 41 12.92 -1.53 14.39
CA VAL A 41 13.52 -0.22 14.18
C VAL A 41 12.80 0.78 15.08
N GLN A 42 13.24 0.88 16.33
CA GLN A 42 12.67 1.78 17.32
C GLN A 42 13.58 2.99 17.50
N MET A 43 12.95 4.14 17.78
CA MET A 43 13.67 5.41 17.72
C MET A 43 14.80 5.47 18.73
N ARG A 44 14.56 4.98 19.95
CA ARG A 44 15.62 4.95 20.95
C ARG A 44 16.78 4.06 20.50
N ALA A 45 16.44 2.87 19.98
CA ALA A 45 17.46 1.95 19.49
C ALA A 45 18.24 2.55 18.33
N VAL A 46 17.53 3.19 17.39
CA VAL A 46 18.21 3.80 16.24
C VAL A 46 19.14 4.91 16.71
N ALA A 47 18.68 5.72 17.66
CA ALA A 47 19.52 6.81 18.17
C ALA A 47 20.76 6.25 18.87
N ASP A 48 20.59 5.22 19.68
CA ASP A 48 21.74 4.67 20.42
C ASP A 48 22.75 4.02 19.47
N ARG A 49 22.26 3.22 18.52
CA ARG A 49 23.16 2.58 17.56
C ARG A 49 23.91 3.61 16.73
N ALA A 50 23.25 4.72 16.41
CA ALA A 50 23.86 5.79 15.64
C ALA A 50 24.65 6.79 16.50
N ASP A 51 24.69 6.58 17.82
CA ASP A 51 25.46 7.43 18.74
C ASP A 51 24.97 8.88 18.69
N VAL A 52 23.65 9.06 18.57
CA VAL A 52 23.03 10.38 18.64
C VAL A 52 21.91 10.33 19.66
N ALA A 53 21.50 11.50 20.12
CA ALA A 53 20.33 11.60 20.97
C ALA A 53 19.07 11.46 20.12
N VAL A 54 17.97 11.09 20.79
CA VAL A 54 16.70 10.92 20.09
C VAL A 54 16.24 12.26 19.52
N GLY A 55 16.50 13.36 20.24
CA GLY A 55 16.19 14.68 19.70
C GLY A 55 16.99 14.98 18.44
N THR A 56 18.25 14.57 18.41
CA THR A 56 19.05 14.73 17.20
C THR A 56 18.47 13.90 16.07
N LEU A 57 18.18 12.62 16.33
CA LEU A 57 17.57 11.75 15.35
C LEU A 57 16.31 12.38 14.75
N TYR A 58 15.46 12.96 15.61
CA TYR A 58 14.24 13.59 15.13
C TYR A 58 14.52 14.89 14.40
N ARG A 59 15.65 15.55 14.69
CA ARG A 59 16.03 16.71 13.89
C ARG A 59 16.43 16.28 12.48
N TYR A 60 17.10 15.14 12.35
CA TYR A 60 17.48 14.67 11.02
C TYR A 60 16.32 14.02 10.28
N PHE A 61 15.46 13.31 11.01
CA PHE A 61 14.31 12.63 10.40
C PHE A 61 13.07 12.85 11.26
N PRO A 62 12.09 13.60 10.77
CA PRO A 62 10.99 14.05 11.64
C PRO A 62 10.08 12.94 12.13
N SER A 63 10.17 11.72 11.60
CA SER A 63 9.33 10.63 12.04
C SER A 63 9.98 9.31 11.65
N LYS A 64 9.48 8.23 12.25
CA LYS A 64 9.94 6.89 11.90
C LYS A 64 9.71 6.60 10.43
N VAL A 65 8.57 7.08 9.89
CA VAL A 65 8.28 6.89 8.46
C VAL A 65 9.31 7.63 7.61
N HIS A 66 9.57 8.90 7.92
CA HIS A 66 10.59 9.64 7.18
C HIS A 66 11.94 8.92 7.24
N LEU A 67 12.28 8.38 8.41
CA LEU A 67 13.54 7.66 8.57
C LEU A 67 13.61 6.47 7.63
N LEU A 68 12.65 5.55 7.72
CA LEU A 68 12.72 4.32 6.94
C LEU A 68 12.57 4.58 5.44
N VAL A 69 11.67 5.49 5.06
CA VAL A 69 11.53 5.83 3.64
C VAL A 69 12.79 6.50 3.13
N SER A 70 13.50 7.24 3.99
CA SER A 70 14.78 7.83 3.57
C SER A 70 15.82 6.76 3.34
N ALA A 71 15.91 5.78 4.24
CA ALA A 71 16.81 4.64 3.99
C ALA A 71 16.44 3.93 2.69
N LEU A 72 15.14 3.81 2.41
CA LEU A 72 14.68 3.20 1.17
C LEU A 72 15.18 3.99 -0.04
N GLY A 73 15.03 5.31 0.01
CA GLY A 73 15.49 6.13 -1.09
C GLY A 73 16.99 6.03 -1.31
N ARG A 74 17.75 6.04 -0.22
CA ARG A 74 19.20 5.84 -0.32
C ARG A 74 19.51 4.52 -1.02
N GLU A 75 18.90 3.43 -0.56
CA GLU A 75 19.16 2.12 -1.15
C GLU A 75 18.86 2.12 -2.64
N PHE A 76 17.66 2.56 -3.03
CA PHE A 76 17.30 2.55 -4.44
C PHE A 76 18.17 3.50 -5.26
N SER A 77 18.74 4.53 -4.63
CA SER A 77 19.71 5.37 -5.33
C SER A 77 21.00 4.60 -5.62
N ARG A 78 21.53 3.89 -4.60
CA ARG A 78 22.71 3.08 -4.85
C ARG A 78 22.45 1.99 -5.88
N ILE A 79 21.23 1.45 -5.93
CA ILE A 79 20.89 0.50 -6.98
C ILE A 79 20.84 1.21 -8.33
N ASP A 80 20.38 2.47 -8.35
CA ASP A 80 20.37 3.23 -9.59
C ASP A 80 21.78 3.49 -10.09
N ALA A 81 22.75 3.60 -9.18
CA ALA A 81 24.14 3.79 -9.60
C ALA A 81 24.63 2.65 -10.48
N LYS A 82 24.31 1.40 -10.10
CA LYS A 82 24.71 0.24 -10.88
C LYS A 82 23.90 0.15 -12.16
N ALA A 89 19.57 -6.10 -20.78
CA ALA A 89 19.45 -7.16 -19.80
C ALA A 89 18.68 -8.35 -20.38
N GLY A 90 18.41 -8.30 -21.68
CA GLY A 90 17.68 -9.38 -22.32
C GLY A 90 17.48 -9.09 -23.79
N ALA A 91 16.66 -9.93 -24.42
CA ALA A 91 16.32 -9.76 -25.85
C ALA A 91 15.04 -8.93 -25.98
N THR A 92 13.91 -9.54 -25.66
CA THR A 92 12.65 -8.81 -25.69
C THR A 92 12.57 -7.87 -24.49
N PRO A 93 11.89 -6.72 -24.64
CA PRO A 93 11.49 -5.97 -23.43
C PRO A 93 10.67 -6.82 -22.48
N PHE A 94 10.01 -7.86 -23.01
CA PHE A 94 9.41 -8.89 -22.18
C PHE A 94 10.46 -9.55 -21.29
N GLN A 95 11.60 -9.91 -21.86
CA GLN A 95 12.67 -10.55 -21.11
C GLN A 95 13.40 -9.59 -20.19
N ARG A 96 13.54 -8.31 -20.58
CA ARG A 96 14.17 -7.34 -19.69
C ARG A 96 13.28 -7.04 -18.50
N LEU A 97 11.98 -6.83 -18.75
CA LEU A 97 11.03 -6.63 -17.67
C LEU A 97 11.02 -7.84 -16.73
N ASN A 98 11.00 -9.05 -17.30
CA ASN A 98 11.07 -10.25 -16.47
C ASN A 98 12.36 -10.31 -15.68
N PHE A 99 13.46 -9.81 -16.26
CA PHE A 99 14.74 -9.81 -15.56
C PHE A 99 14.70 -8.90 -14.34
N MET A 100 14.22 -7.66 -14.52
CA MET A 100 14.15 -6.74 -13.40
C MET A 100 13.16 -7.24 -12.34
N VAL A 101 12.04 -7.81 -12.78
CA VAL A 101 11.08 -8.38 -11.84
C VAL A 101 11.73 -9.49 -11.03
N GLY A 102 12.53 -10.35 -11.69
CA GLY A 102 13.19 -11.43 -10.98
C GLY A 102 14.23 -10.92 -9.99
N LYS A 103 14.97 -9.87 -10.38
CA LYS A 103 15.90 -9.25 -9.43
C LYS A 103 15.16 -8.70 -8.22
N LEU A 104 13.98 -8.10 -8.45
CA LEU A 104 13.20 -7.55 -7.36
C LEU A 104 12.69 -8.66 -6.43
N ASN A 105 12.23 -9.77 -7.00
CA ASN A 105 11.75 -10.88 -6.18
C ASN A 105 12.89 -11.48 -5.36
N ARG A 106 14.03 -11.74 -6.00
CA ARG A 106 15.15 -12.37 -5.31
C ARG A 106 15.69 -11.47 -4.20
N ALA A 107 15.87 -10.18 -4.48
CA ALA A 107 16.26 -9.26 -3.41
C ALA A 107 15.20 -9.15 -2.34
N MET A 108 13.93 -9.27 -2.73
CA MET A 108 12.83 -9.23 -1.78
C MET A 108 12.94 -10.34 -0.76
N GLN A 109 13.08 -11.59 -1.22
CA GLN A 109 13.25 -12.69 -0.27
C GLN A 109 14.64 -12.71 0.37
N ARG A 110 15.60 -11.98 -0.20
CA ARG A 110 16.96 -11.99 0.35
C ARG A 110 16.99 -11.47 1.77
N ASN A 111 16.34 -10.33 2.01
CA ASN A 111 16.24 -9.73 3.34
C ASN A 111 14.78 -9.39 3.60
N PRO A 112 13.98 -10.37 4.01
CA PRO A 112 12.54 -10.12 4.17
C PRO A 112 12.18 -9.15 5.29
N LEU A 113 13.01 -9.06 6.33
CA LEU A 113 12.69 -8.13 7.42
C LEU A 113 12.97 -6.68 7.02
N LEU A 114 14.06 -6.46 6.28
CA LEU A 114 14.32 -5.12 5.73
C LEU A 114 13.22 -4.72 4.75
N THR A 115 12.78 -5.65 3.91
CA THR A 115 11.68 -5.39 3.00
C THR A 115 10.40 -5.04 3.76
N GLU A 116 10.10 -5.81 4.81
CA GLU A 116 8.91 -5.53 5.61
C GLU A 116 8.99 -4.15 6.23
N ALA A 117 10.14 -3.80 6.82
CA ALA A 117 10.30 -2.49 7.44
C ALA A 117 10.09 -1.37 6.44
N MET A 118 10.88 -1.35 5.36
CA MET A 118 10.84 -0.21 4.45
C MET A 118 9.54 -0.16 3.66
N THR A 119 8.97 -1.31 3.32
CA THR A 119 7.72 -1.33 2.56
C THR A 119 6.55 -0.86 3.42
N ARG A 120 6.47 -1.35 4.65
CA ARG A 120 5.38 -0.91 5.52
C ARG A 120 5.52 0.56 5.88
N ALA A 121 6.75 1.05 6.02
CA ALA A 121 6.93 2.49 6.18
C ALA A 121 6.52 3.24 4.92
N TYR A 122 6.71 2.64 3.75
CA TYR A 122 6.36 3.30 2.50
C TYR A 122 4.85 3.45 2.35
N VAL A 123 4.09 2.37 2.60
CA VAL A 123 2.64 2.44 2.37
C VAL A 123 1.95 3.17 3.50
N PHE A 124 2.41 2.97 4.75
CA PHE A 124 1.83 3.64 5.91
C PHE A 124 2.16 5.13 5.94
N ALA A 125 2.96 5.61 4.99
CA ALA A 125 3.49 6.96 5.05
C ALA A 125 2.39 8.01 5.03
N ASP A 126 2.74 9.20 5.49
CA ASP A 126 1.85 10.33 5.68
C ASP A 126 2.11 11.37 4.59
N ALA A 127 1.26 12.39 4.56
CA ALA A 127 1.54 13.54 3.69
C ALA A 127 2.82 14.25 4.12
N SER A 128 3.13 14.21 5.42
CA SER A 128 4.37 14.80 5.92
C SER A 128 5.59 14.30 5.17
N ALA A 129 5.57 13.05 4.71
CA ALA A 129 6.68 12.44 3.98
C ALA A 129 6.39 12.28 2.50
N ALA A 130 5.45 13.06 1.95
CA ALA A 130 5.08 12.92 0.55
C ALA A 130 6.30 13.02 -0.36
N SER A 131 7.09 14.09 -0.20
CA SER A 131 8.27 14.28 -1.04
C SER A 131 9.21 13.09 -0.98
N GLU A 132 9.23 12.36 0.15
CA GLU A 132 10.04 11.16 0.22
C GLU A 132 9.39 10.03 -0.57
N VAL A 133 8.10 9.79 -0.36
CA VAL A 133 7.40 8.70 -1.03
C VAL A 133 7.36 8.95 -2.53
N ASP A 134 7.22 10.21 -2.94
CA ASP A 134 7.28 10.52 -4.36
C ASP A 134 8.68 10.33 -4.90
N GLN A 135 9.71 10.55 -4.08
CA GLN A 135 11.07 10.42 -4.56
C GLN A 135 11.40 8.97 -4.89
N VAL A 136 10.94 8.02 -4.08
CA VAL A 136 11.21 6.61 -4.35
C VAL A 136 10.39 6.12 -5.55
N GLU A 137 9.08 6.37 -5.51
CA GLU A 137 8.18 5.88 -6.56
C GLU A 137 8.70 6.23 -7.95
N LYS A 138 8.91 7.53 -8.19
CA LYS A 138 9.37 7.97 -9.49
C LYS A 138 10.67 7.30 -9.90
N LEU A 139 11.53 7.00 -8.92
CA LEU A 139 12.73 6.22 -9.19
C LEU A 139 12.38 4.80 -9.63
N ILE A 140 11.59 4.08 -8.82
CA ILE A 140 11.29 2.69 -9.17
C ILE A 140 10.61 2.61 -10.53
N ASP A 141 9.65 3.50 -10.78
CA ASP A 141 9.08 3.60 -12.12
C ASP A 141 10.17 3.81 -13.16
N SER A 142 11.04 4.80 -12.93
CA SER A 142 12.15 5.07 -13.84
C SER A 142 13.06 3.85 -14.02
N MET A 143 13.04 2.91 -13.07
CA MET A 143 13.84 1.71 -13.24
C MET A 143 13.10 0.65 -14.05
N PHE A 144 11.78 0.55 -13.86
CA PHE A 144 11.01 -0.40 -14.66
C PHE A 144 10.89 0.07 -16.11
N ALA A 145 10.81 1.37 -16.33
CA ALA A 145 10.74 1.89 -17.69
C ALA A 145 12.08 1.76 -18.41
N ARG A 146 13.15 2.27 -17.79
CA ARG A 146 14.48 2.16 -18.37
C ARG A 146 14.90 0.70 -18.58
N ALA A 147 14.25 -0.24 -17.91
CA ALA A 147 14.50 -1.65 -18.17
C ALA A 147 13.94 -2.06 -19.52
N MET A 148 12.70 -1.65 -19.82
CA MET A 148 12.10 -2.00 -21.11
C MET A 148 12.79 -1.28 -22.26
N ALA A 149 13.37 -0.11 -22.01
CA ALA A 149 14.09 0.64 -23.03
C ALA A 149 15.43 -0.03 -23.34
N GLU A 152 15.99 5.05 -23.26
CA GLU A 152 15.04 6.06 -23.68
C GLU A 152 13.64 5.47 -23.83
N PRO A 153 12.94 5.28 -22.71
CA PRO A 153 11.63 4.65 -22.76
C PRO A 153 10.55 5.58 -23.32
N THR A 154 9.60 4.96 -24.04
CA THR A 154 8.43 5.66 -24.52
C THR A 154 7.53 6.06 -23.34
N GLU A 155 6.57 6.94 -23.63
CA GLU A 155 5.56 7.25 -22.62
C GLU A 155 4.64 6.05 -22.38
N ASP A 156 4.39 5.25 -23.41
CA ASP A 156 3.66 4.00 -23.23
C ASP A 156 4.45 3.04 -22.36
N GLN A 157 5.76 2.94 -22.60
CA GLN A 157 6.62 2.12 -21.74
C GLN A 157 6.62 2.64 -20.31
N TYR A 158 6.51 3.96 -20.12
CA TYR A 158 6.44 4.51 -18.77
C TYR A 158 5.12 4.17 -18.09
N HIS A 159 4.01 4.25 -18.82
CA HIS A 159 2.72 3.89 -18.23
C HIS A 159 2.68 2.41 -17.86
N ILE A 160 3.17 1.55 -18.74
CA ILE A 160 3.28 0.13 -18.42
C ILE A 160 4.17 -0.08 -17.20
N ALA A 161 5.29 0.64 -17.15
CA ALA A 161 6.18 0.52 -16.00
C ALA A 161 5.49 0.91 -14.71
N ARG A 162 4.64 1.94 -14.75
CA ARG A 162 3.93 2.37 -13.55
C ARG A 162 2.91 1.34 -13.11
N VAL A 163 2.16 0.76 -14.06
CA VAL A 163 1.22 -0.30 -13.70
C VAL A 163 1.96 -1.49 -13.09
N ILE A 164 3.11 -1.84 -13.66
CA ILE A 164 3.91 -2.93 -13.14
C ILE A 164 4.35 -2.63 -11.71
N SER A 165 4.80 -1.39 -11.47
CA SER A 165 5.14 -0.98 -10.11
C SER A 165 3.96 -1.19 -9.16
N ASP A 166 2.76 -0.84 -9.61
CA ASP A 166 1.59 -0.96 -8.75
C ASP A 166 1.30 -2.41 -8.39
N VAL A 167 1.32 -3.30 -9.39
CA VAL A 167 1.05 -4.70 -9.07
C VAL A 167 2.18 -5.29 -8.22
N TRP A 168 3.41 -4.81 -8.42
CA TRP A 168 4.53 -5.29 -7.63
C TRP A 168 4.39 -4.86 -6.16
N LEU A 169 3.90 -3.65 -5.91
CA LEU A 169 3.67 -3.23 -4.54
C LEU A 169 2.52 -4.01 -3.92
N SER A 170 1.43 -4.22 -4.67
CA SER A 170 0.31 -4.98 -4.14
C SER A 170 0.72 -6.39 -3.74
N ASN A 171 1.42 -7.09 -4.64
CA ASN A 171 1.84 -8.45 -4.33
C ASN A 171 2.96 -8.48 -3.30
N LEU A 172 3.78 -7.44 -3.23
CA LEU A 172 4.76 -7.31 -2.16
C LEU A 172 4.07 -7.27 -0.80
N LEU A 173 3.01 -6.45 -0.69
CA LEU A 173 2.22 -6.42 0.54
C LEU A 173 1.59 -7.78 0.83
N ALA A 174 1.04 -8.43 -0.20
CA ALA A 174 0.42 -9.73 0.00
C ALA A 174 1.43 -10.75 0.52
N TRP A 175 2.66 -10.69 0.02
CA TRP A 175 3.69 -11.64 0.44
C TRP A 175 4.16 -11.34 1.85
N LEU A 176 4.34 -10.06 2.20
CA LEU A 176 4.77 -9.71 3.54
C LEU A 176 3.69 -9.97 4.58
N THR A 177 2.42 -10.02 4.18
CA THR A 177 1.32 -10.33 5.08
C THR A 177 1.06 -11.82 5.20
N ARG A 178 1.86 -12.66 4.53
CA ARG A 178 1.69 -14.11 4.54
C ARG A 178 0.32 -14.52 4.03
N ARG A 179 -0.18 -13.79 3.03
CA ARG A 179 -1.38 -14.18 2.32
C ARG A 179 -1.11 -14.50 0.85
N ALA A 180 0.14 -14.46 0.42
CA ALA A 180 0.56 -14.93 -0.89
C ALA A 180 1.96 -15.51 -0.77
N SER A 181 2.19 -16.63 -1.45
CA SER A 181 3.52 -17.21 -1.49
C SER A 181 4.36 -16.51 -2.55
N ALA A 182 5.65 -16.81 -2.56
CA ALA A 182 6.54 -16.23 -3.56
C ALA A 182 6.14 -16.65 -4.97
N THR A 183 5.75 -17.92 -5.13
CA THR A 183 5.31 -18.40 -6.45
C THR A 183 4.02 -17.71 -6.89
N ASP A 184 3.12 -17.41 -5.95
CA ASP A 184 1.90 -16.68 -6.28
C ASP A 184 2.24 -15.28 -6.81
N VAL A 185 3.18 -14.61 -6.16
CA VAL A 185 3.58 -13.26 -6.57
C VAL A 185 4.25 -13.30 -7.94
N SER A 186 5.13 -14.28 -8.16
CA SER A 186 5.78 -14.41 -9.46
C SER A 186 4.76 -14.66 -10.56
N LYS A 187 3.82 -15.58 -10.31
CA LYS A 187 2.80 -15.88 -11.30
C LYS A 187 1.94 -14.66 -11.61
N ARG A 188 1.58 -13.90 -10.58
CA ARG A 188 0.72 -12.74 -10.80
C ARG A 188 1.45 -11.62 -11.53
N LEU A 189 2.75 -11.46 -11.24
CA LEU A 189 3.52 -10.40 -11.91
C LEU A 189 3.76 -10.75 -13.38
N ASP A 190 4.17 -11.99 -13.66
CA ASP A 190 4.33 -12.40 -15.05
C ASP A 190 3.01 -12.33 -15.80
N LEU A 191 1.91 -12.71 -15.12
CA LEU A 191 0.59 -12.60 -15.72
C LEU A 191 0.29 -11.15 -16.10
N ALA A 192 0.58 -10.21 -15.20
CA ALA A 192 0.37 -8.80 -15.50
C ALA A 192 1.24 -8.35 -16.67
N VAL A 193 2.49 -8.83 -16.72
CA VAL A 193 3.40 -8.48 -17.82
C VAL A 193 2.80 -8.91 -19.15
N ARG A 194 2.32 -10.15 -19.22
CA ARG A 194 1.70 -10.63 -20.45
C ARG A 194 0.45 -9.83 -20.79
N LEU A 195 -0.35 -9.48 -19.79
CA LEU A 195 -1.53 -8.66 -20.04
C LEU A 195 -1.19 -7.26 -20.53
N LEU A 196 0.00 -6.76 -20.21
CA LEU A 196 0.37 -5.39 -20.55
C LEU A 196 1.15 -5.26 -21.85
N ILE A 197 2.00 -6.22 -22.19
CA ILE A 197 2.86 -6.08 -23.36
C ILE A 197 2.10 -6.43 -24.63
N GLY A 198 1.56 -7.63 -24.70
CA GLY A 198 0.85 -8.08 -25.89
C GLY A 198 -0.41 -7.31 -26.20
N LEU B 13 -20.76 -16.59 14.36
CA LEU B 13 -22.09 -15.97 14.44
C LEU B 13 -22.16 -15.00 15.61
N GLY B 14 -22.82 -15.42 16.69
CA GLY B 14 -22.94 -14.59 17.87
C GLY B 14 -24.37 -14.25 18.24
N SER B 15 -24.60 -13.93 19.51
CA SER B 15 -25.94 -13.63 19.99
C SER B 15 -26.38 -12.25 19.49
N GLU B 16 -27.60 -11.86 19.86
CA GLU B 16 -28.12 -10.57 19.47
C GLU B 16 -27.43 -9.44 20.24
N ALA B 17 -27.15 -9.66 21.53
CA ALA B 17 -26.41 -8.68 22.31
C ALA B 17 -25.05 -8.42 21.70
N GLN B 18 -24.29 -9.50 21.42
CA GLN B 18 -22.97 -9.36 20.83
C GLN B 18 -23.03 -8.64 19.48
N ARG B 19 -24.04 -8.98 18.67
CA ARG B 19 -24.18 -8.30 17.38
C ARG B 19 -24.42 -6.80 17.57
N GLU B 20 -25.25 -6.44 18.55
CA GLU B 20 -25.47 -5.03 18.84
C GLU B 20 -24.18 -4.33 19.25
N ARG B 21 -23.42 -4.95 20.17
CA ARG B 21 -22.14 -4.38 20.58
C ARG B 21 -21.22 -4.15 19.40
N ARG B 22 -21.05 -5.18 18.56
CA ARG B 22 -20.19 -5.06 17.38
C ARG B 22 -20.64 -3.91 16.50
N LYS B 23 -21.94 -3.86 16.17
CA LYS B 23 -22.46 -2.79 15.31
C LYS B 23 -22.15 -1.42 15.89
N ARG B 24 -22.39 -1.24 17.19
CA ARG B 24 -22.09 0.04 17.82
C ARG B 24 -20.61 0.38 17.70
N ILE B 25 -19.75 -0.63 17.87
CA ILE B 25 -18.31 -0.40 17.81
C ILE B 25 -17.90 0.09 16.42
N LEU B 26 -18.32 -0.63 15.38
CA LEU B 26 -17.92 -0.24 14.03
C LEU B 26 -18.55 1.08 13.61
N ASP B 27 -19.77 1.37 14.07
CA ASP B 27 -20.39 2.65 13.77
C ASP B 27 -19.60 3.80 14.38
N ALA B 28 -19.23 3.67 15.65
CA ALA B 28 -18.38 4.67 16.28
C ALA B 28 -17.06 4.82 15.52
N THR B 29 -16.45 3.68 15.16
CA THR B 29 -15.17 3.69 14.45
C THR B 29 -15.25 4.48 13.16
N MET B 30 -16.30 4.23 12.36
CA MET B 30 -16.42 4.94 11.08
C MET B 30 -16.82 6.39 11.28
N ALA B 31 -17.51 6.71 12.37
CA ALA B 31 -17.80 8.11 12.68
C ALA B 31 -16.53 8.89 12.96
N ILE B 32 -15.73 8.40 13.92
CA ILE B 32 -14.51 9.10 14.30
C ILE B 32 -13.53 9.11 13.12
N ALA B 33 -13.47 8.01 12.37
CA ALA B 33 -12.64 8.00 11.16
C ALA B 33 -13.10 9.07 10.18
N SER B 34 -14.42 9.23 10.04
CA SER B 34 -14.95 10.24 9.12
C SER B 34 -14.54 11.63 9.55
N LYS B 35 -14.70 11.95 10.85
CA LYS B 35 -14.44 13.32 11.29
C LYS B 35 -12.95 13.62 11.39
N GLY B 36 -12.11 12.62 11.60
CA GLY B 36 -10.71 12.90 11.91
C GLY B 36 -9.64 12.05 11.24
N GLY B 37 -10.04 10.99 10.56
CA GLY B 37 -9.05 10.17 9.87
C GLY B 37 -8.41 9.13 10.77
N TYR B 38 -7.29 8.58 10.28
CA TYR B 38 -6.67 7.42 10.90
C TYR B 38 -6.18 7.72 12.32
N GLU B 39 -5.45 8.82 12.48
CA GLU B 39 -4.90 9.16 13.80
C GLU B 39 -6.00 9.48 14.81
N ALA B 40 -7.18 9.90 14.35
CA ALA B 40 -8.28 10.19 15.26
C ALA B 40 -8.96 8.93 15.77
N VAL B 41 -8.92 7.84 15.00
CA VAL B 41 -9.52 6.57 15.42
C VAL B 41 -8.70 6.01 16.58
N GLN B 42 -8.90 6.56 17.76
CA GLN B 42 -8.22 6.10 18.97
C GLN B 42 -9.11 5.14 19.72
N MET B 43 -8.49 4.13 20.35
CA MET B 43 -9.25 3.04 20.94
C MET B 43 -10.10 3.51 22.13
N ARG B 44 -9.56 4.41 22.94
CA ARG B 44 -10.34 4.97 24.04
C ARG B 44 -11.53 5.76 23.51
N ALA B 45 -11.34 6.48 22.39
CA ALA B 45 -12.42 7.27 21.81
C ALA B 45 -13.48 6.37 21.19
N VAL B 46 -13.04 5.35 20.44
CA VAL B 46 -13.98 4.42 19.82
C VAL B 46 -14.76 3.66 20.88
N ALA B 47 -14.10 3.30 21.98
CA ALA B 47 -14.79 2.61 23.07
C ALA B 47 -15.77 3.55 23.77
N ASP B 48 -15.39 4.82 23.94
CA ASP B 48 -16.26 5.77 24.63
C ASP B 48 -17.50 6.08 23.81
N ARG B 49 -17.33 6.23 22.48
CA ARG B 49 -18.46 6.56 21.62
C ARG B 49 -19.43 5.40 21.47
N ALA B 50 -18.93 4.17 21.47
CA ALA B 50 -19.77 2.99 21.37
C ALA B 50 -20.30 2.53 22.72
N ASP B 51 -20.01 3.27 23.80
CA ASP B 51 -20.44 2.93 25.16
C ASP B 51 -20.03 1.50 25.52
N VAL B 52 -18.78 1.15 25.20
CA VAL B 52 -18.18 -0.11 25.61
C VAL B 52 -16.95 0.21 26.46
N ALA B 53 -16.45 -0.81 27.13
CA ALA B 53 -15.14 -0.73 27.76
C ALA B 53 -14.06 -1.01 26.71
N VAL B 54 -12.83 -0.62 27.04
CA VAL B 54 -11.73 -0.86 26.11
C VAL B 54 -11.46 -2.35 25.96
N GLY B 55 -11.47 -3.08 27.07
CA GLY B 55 -11.29 -4.53 27.00
C GLY B 55 -12.38 -5.21 26.21
N THR B 56 -13.60 -4.64 26.21
CA THR B 56 -14.65 -5.15 25.35
C THR B 56 -14.31 -4.89 23.89
N LEU B 57 -13.86 -3.68 23.58
CA LEU B 57 -13.47 -3.33 22.22
C LEU B 57 -12.38 -4.26 21.70
N TYR B 58 -11.40 -4.59 22.55
CA TYR B 58 -10.34 -5.51 22.14
C TYR B 58 -10.80 -6.95 22.16
N ARG B 59 -11.87 -7.28 22.89
CA ARG B 59 -12.45 -8.61 22.74
C ARG B 59 -13.12 -8.76 21.38
N TYR B 60 -13.76 -7.70 20.89
CA TYR B 60 -14.40 -7.77 19.59
C TYR B 60 -13.44 -7.48 18.43
N PHE B 61 -12.34 -6.79 18.69
CA PHE B 61 -11.37 -6.47 17.64
C PHE B 61 -9.96 -6.46 18.25
N PRO B 62 -9.10 -7.41 17.86
CA PRO B 62 -7.82 -7.57 18.57
C PRO B 62 -6.83 -6.43 18.37
N SER B 63 -7.06 -5.55 17.40
CA SER B 63 -6.15 -4.42 17.20
C SER B 63 -6.91 -3.33 16.45
N LYS B 64 -6.33 -2.13 16.46
CA LYS B 64 -6.91 -1.01 15.72
C LYS B 64 -6.99 -1.33 14.23
N VAL B 65 -5.98 -2.03 13.71
CA VAL B 65 -5.99 -2.44 12.31
C VAL B 65 -7.17 -3.35 12.02
N HIS B 66 -7.34 -4.38 12.86
CA HIS B 66 -8.48 -5.28 12.70
C HIS B 66 -9.80 -4.52 12.71
N LEU B 67 -9.89 -3.50 13.55
CA LEU B 67 -11.11 -2.71 13.66
C LEU B 67 -11.40 -1.95 12.37
N LEU B 68 -10.43 -1.16 11.91
CA LEU B 68 -10.65 -0.35 10.71
C LEU B 68 -10.84 -1.23 9.47
N VAL B 69 -10.11 -2.34 9.40
CA VAL B 69 -10.23 -3.23 8.24
C VAL B 69 -11.58 -3.93 8.25
N SER B 70 -12.08 -4.30 9.44
CA SER B 70 -13.41 -4.89 9.51
C SER B 70 -14.48 -3.87 9.13
N ALA B 71 -14.28 -2.60 9.51
CA ALA B 71 -15.19 -1.56 9.07
C ALA B 71 -15.16 -1.40 7.55
N LEU B 72 -13.97 -1.50 6.96
CA LEU B 72 -13.86 -1.44 5.50
C LEU B 72 -14.58 -2.60 4.85
N GLY B 73 -14.46 -3.79 5.44
CA GLY B 73 -15.18 -4.94 4.89
C GLY B 73 -16.68 -4.79 4.96
N ARG B 74 -17.19 -4.34 6.11
CA ARG B 74 -18.62 -4.10 6.23
C ARG B 74 -19.10 -3.05 5.24
N GLU B 75 -18.34 -1.97 5.08
CA GLU B 75 -18.76 -0.91 4.16
C GLU B 75 -18.75 -1.38 2.71
N PHE B 76 -17.73 -2.15 2.32
CA PHE B 76 -17.65 -2.61 0.95
C PHE B 76 -18.69 -3.69 0.65
N SER B 77 -19.04 -4.51 1.65
CA SER B 77 -20.12 -5.47 1.44
C SER B 77 -21.47 -4.76 1.33
N ARG B 78 -21.68 -3.73 2.17
CA ARG B 78 -22.89 -2.92 2.05
C ARG B 78 -22.99 -2.30 0.67
N ILE B 79 -21.88 -1.74 0.17
CA ILE B 79 -21.87 -1.21 -1.19
C ILE B 79 -22.05 -2.31 -2.22
N ASP B 80 -21.72 -3.56 -1.88
CA ASP B 80 -21.91 -4.68 -2.79
C ASP B 80 -23.37 -5.11 -2.86
N ALA B 81 -24.14 -4.87 -1.78
CA ALA B 81 -25.56 -5.21 -1.80
C ALA B 81 -26.32 -4.35 -2.80
N LYS B 82 -26.23 -3.04 -2.65
CA LYS B 82 -26.91 -2.11 -3.56
C LYS B 82 -26.12 -1.96 -4.87
N ALA B 91 -23.09 -1.47 -21.18
CA ALA B 91 -22.54 -0.99 -22.43
C ALA B 91 -21.22 -1.68 -22.75
N THR B 92 -20.24 -0.89 -23.19
CA THR B 92 -18.91 -1.42 -23.46
C THR B 92 -18.22 -1.79 -22.15
N PRO B 93 -17.21 -2.68 -22.21
CA PRO B 93 -16.45 -2.98 -20.98
C PRO B 93 -15.76 -1.74 -20.40
N PHE B 94 -15.23 -0.86 -21.25
CA PHE B 94 -14.67 0.39 -20.77
C PHE B 94 -15.73 1.30 -20.17
N GLN B 95 -17.00 1.14 -20.56
CA GLN B 95 -18.06 1.96 -20.01
C GLN B 95 -18.49 1.49 -18.63
N ARG B 96 -18.65 0.17 -18.45
CA ARG B 96 -18.98 -0.35 -17.13
C ARG B 96 -17.80 -0.20 -16.17
N LEU B 97 -16.58 -0.42 -16.66
CA LEU B 97 -15.40 -0.21 -15.83
C LEU B 97 -15.23 1.27 -15.49
N ASN B 98 -15.57 2.16 -16.43
CA ASN B 98 -15.56 3.59 -16.12
C ASN B 98 -16.63 3.94 -15.11
N PHE B 99 -17.76 3.23 -15.14
CA PHE B 99 -18.83 3.50 -14.17
C PHE B 99 -18.42 3.08 -12.77
N MET B 100 -17.83 1.88 -12.63
CA MET B 100 -17.37 1.44 -11.32
C MET B 100 -16.20 2.28 -10.83
N VAL B 101 -15.24 2.56 -11.71
CA VAL B 101 -14.06 3.34 -11.34
C VAL B 101 -14.43 4.77 -10.97
N GLY B 102 -15.45 5.33 -11.61
CA GLY B 102 -15.92 6.65 -11.27
C GLY B 102 -16.75 6.64 -10.01
N LYS B 103 -17.51 5.57 -9.78
CA LYS B 103 -18.27 5.44 -8.55
C LYS B 103 -17.33 5.38 -7.33
N LEU B 104 -16.25 4.60 -7.45
CA LEU B 104 -15.27 4.53 -6.36
C LEU B 104 -14.36 5.76 -6.34
N ASN B 105 -14.21 6.45 -7.46
CA ASN B 105 -13.46 7.70 -7.48
C ASN B 105 -14.21 8.78 -6.69
N ARG B 106 -15.47 9.05 -7.07
CA ARG B 106 -16.30 9.94 -6.28
C ARG B 106 -16.50 9.46 -4.86
N ALA B 107 -16.51 8.14 -4.63
CA ALA B 107 -16.64 7.65 -3.26
C ALA B 107 -15.37 7.92 -2.45
N MET B 108 -14.22 7.90 -3.11
CA MET B 108 -12.97 8.24 -2.44
C MET B 108 -12.96 9.71 -2.01
N GLN B 109 -13.39 10.60 -2.90
CA GLN B 109 -13.47 12.02 -2.58
C GLN B 109 -14.63 12.36 -1.66
N ARG B 110 -15.59 11.44 -1.49
CA ARG B 110 -16.76 11.72 -0.67
C ARG B 110 -16.37 12.04 0.77
N ASN B 111 -15.63 11.14 1.41
CA ASN B 111 -15.10 11.37 2.75
C ASN B 111 -13.61 11.04 2.73
N PRO B 112 -12.75 12.05 2.55
CA PRO B 112 -11.31 11.76 2.45
C PRO B 112 -10.70 11.20 3.73
N LEU B 113 -11.20 11.62 4.89
CA LEU B 113 -10.61 11.15 6.15
C LEU B 113 -10.98 9.70 6.44
N LEU B 114 -12.24 9.34 6.22
CA LEU B 114 -12.66 7.96 6.37
C LEU B 114 -11.88 7.05 5.43
N THR B 115 -11.76 7.45 4.17
CA THR B 115 -10.94 6.72 3.21
C THR B 115 -9.51 6.61 3.70
N GLU B 116 -8.98 7.68 4.30
CA GLU B 116 -7.62 7.65 4.82
C GLU B 116 -7.46 6.59 5.91
N ALA B 117 -8.38 6.58 6.87
CA ALA B 117 -8.30 5.60 7.95
C ALA B 117 -8.40 4.18 7.43
N MET B 118 -9.45 3.88 6.65
CA MET B 118 -9.66 2.50 6.23
C MET B 118 -8.57 2.03 5.27
N THR B 119 -8.17 2.86 4.32
CA THR B 119 -7.11 2.48 3.39
C THR B 119 -5.79 2.29 4.12
N ARG B 120 -5.41 3.26 4.97
CA ARG B 120 -4.14 3.19 5.65
C ARG B 120 -4.05 1.97 6.56
N ALA B 121 -5.15 1.65 7.27
CA ALA B 121 -5.16 0.43 8.06
C ALA B 121 -5.07 -0.80 7.15
N TYR B 122 -5.74 -0.76 5.99
CA TYR B 122 -5.71 -1.89 5.08
C TYR B 122 -4.29 -2.20 4.61
N VAL B 123 -3.50 -1.17 4.33
CA VAL B 123 -2.15 -1.40 3.80
C VAL B 123 -1.13 -1.61 4.92
N PHE B 124 -1.36 -1.03 6.10
CA PHE B 124 -0.41 -1.18 7.21
C PHE B 124 -0.55 -2.49 7.96
N ALA B 125 -1.55 -3.30 7.63
CA ALA B 125 -1.81 -4.53 8.37
C ALA B 125 -0.64 -5.50 8.26
N ASP B 126 -0.43 -6.26 9.32
CA ASP B 126 0.57 -7.32 9.36
C ASP B 126 -0.12 -8.67 9.16
N ALA B 127 0.65 -9.75 9.29
CA ALA B 127 0.13 -11.08 9.01
C ALA B 127 -1.02 -11.47 9.95
N SER B 128 -1.07 -10.92 11.17
CA SER B 128 -2.10 -11.29 12.12
C SER B 128 -3.48 -10.90 11.61
N ALA B 129 -3.58 -9.89 10.75
CA ALA B 129 -4.83 -9.47 10.15
C ALA B 129 -4.97 -9.96 8.71
N ALA B 130 -4.01 -10.76 8.23
CA ALA B 130 -3.98 -11.23 6.85
C ALA B 130 -5.37 -11.65 6.36
N SER B 131 -5.96 -12.61 7.07
CA SER B 131 -7.29 -13.12 6.72
C SER B 131 -8.26 -11.97 6.43
N GLU B 132 -8.43 -11.07 7.39
CA GLU B 132 -9.30 -9.92 7.20
C GLU B 132 -8.95 -9.21 5.90
N VAL B 133 -7.69 -8.77 5.79
CA VAL B 133 -7.25 -8.02 4.63
C VAL B 133 -7.44 -8.83 3.36
N ASP B 134 -7.35 -10.15 3.45
CA ASP B 134 -7.59 -10.97 2.27
C ASP B 134 -9.04 -10.88 1.84
N GLN B 135 -9.98 -11.06 2.77
CA GLN B 135 -11.40 -11.06 2.44
C GLN B 135 -11.76 -9.81 1.65
N VAL B 136 -11.54 -8.64 2.26
CA VAL B 136 -11.67 -7.34 1.61
C VAL B 136 -11.11 -7.42 0.20
N GLU B 137 -9.82 -7.75 0.08
CA GLU B 137 -9.19 -7.82 -1.23
C GLU B 137 -9.98 -8.71 -2.17
N LYS B 138 -10.22 -9.95 -1.75
CA LYS B 138 -10.92 -10.90 -2.62
C LYS B 138 -12.30 -10.39 -3.01
N LEU B 139 -12.95 -9.63 -2.13
CA LEU B 139 -14.26 -9.09 -2.47
C LEU B 139 -14.13 -7.96 -3.48
N ILE B 140 -13.14 -7.08 -3.28
CA ILE B 140 -13.05 -5.89 -4.13
C ILE B 140 -12.78 -6.30 -5.57
N ASP B 141 -11.76 -7.14 -5.77
CA ASP B 141 -11.52 -7.76 -7.08
C ASP B 141 -12.82 -8.33 -7.63
N SER B 142 -13.56 -9.08 -6.81
CA SER B 142 -14.83 -9.65 -7.24
C SER B 142 -15.73 -8.59 -7.83
N MET B 143 -15.90 -7.47 -7.12
CA MET B 143 -16.72 -6.38 -7.65
C MET B 143 -16.19 -5.92 -8.99
N PHE B 144 -14.88 -5.70 -9.08
CA PHE B 144 -14.28 -5.28 -10.36
C PHE B 144 -14.57 -6.29 -11.46
N ALA B 145 -14.63 -7.57 -11.13
CA ALA B 145 -14.98 -8.58 -12.12
C ALA B 145 -16.46 -8.55 -12.43
N ARG B 146 -17.30 -8.35 -11.41
CA ARG B 146 -18.73 -8.26 -11.64
C ARG B 146 -19.13 -6.99 -12.37
N ALA B 147 -18.23 -6.01 -12.42
CA ALA B 147 -18.45 -4.78 -13.16
C ALA B 147 -17.96 -4.86 -14.60
N MET B 148 -17.46 -6.02 -15.02
CA MET B 148 -17.03 -6.23 -16.40
C MET B 148 -17.94 -7.15 -17.19
N ALA B 149 -18.64 -8.07 -16.51
CA ALA B 149 -19.56 -8.99 -17.16
C ALA B 149 -20.84 -9.07 -16.34
N ASN B 150 -21.97 -9.16 -17.04
CA ASN B 150 -23.26 -9.26 -16.37
C ASN B 150 -23.63 -10.72 -16.13
N GLU B 152 -21.72 -13.98 -14.77
CA GLU B 152 -20.47 -14.55 -14.29
C GLU B 152 -19.30 -14.10 -15.15
N PRO B 153 -18.14 -13.87 -14.52
CA PRO B 153 -16.97 -13.42 -15.28
C PRO B 153 -16.04 -14.56 -15.67
N THR B 154 -15.15 -14.29 -16.63
CA THR B 154 -14.17 -15.28 -17.07
C THR B 154 -12.92 -15.20 -16.20
N GLU B 155 -11.91 -15.99 -16.56
CA GLU B 155 -10.63 -15.94 -15.85
C GLU B 155 -9.89 -14.65 -16.15
N ASP B 156 -9.75 -14.31 -17.43
CA ASP B 156 -9.01 -13.11 -17.82
C ASP B 156 -9.67 -11.85 -17.28
N GLN B 157 -11.00 -11.86 -17.14
CA GLN B 157 -11.68 -10.72 -16.53
C GLN B 157 -11.29 -10.56 -15.06
N TYR B 158 -11.13 -11.68 -14.35
CA TYR B 158 -10.67 -11.61 -12.96
C TYR B 158 -9.22 -11.15 -12.88
N HIS B 159 -8.39 -11.59 -13.82
CA HIS B 159 -6.99 -11.15 -13.82
C HIS B 159 -6.88 -9.65 -14.07
N ILE B 160 -7.51 -9.16 -15.13
CA ILE B 160 -7.52 -7.72 -15.41
C ILE B 160 -8.13 -6.97 -14.22
N ALA B 161 -9.12 -7.56 -13.57
CA ALA B 161 -9.70 -6.94 -12.37
C ALA B 161 -8.65 -6.81 -11.27
N ARG B 162 -7.83 -7.84 -11.08
CA ARG B 162 -6.79 -7.78 -10.06
C ARG B 162 -5.78 -6.68 -10.35
N VAL B 163 -5.31 -6.61 -11.60
CA VAL B 163 -4.35 -5.56 -11.96
C VAL B 163 -4.97 -4.18 -11.78
N ILE B 164 -6.22 -4.02 -12.21
CA ILE B 164 -6.92 -2.75 -12.04
C ILE B 164 -6.97 -2.36 -10.57
N SER B 165 -7.36 -3.30 -9.70
CA SER B 165 -7.42 -3.01 -8.28
C SER B 165 -6.05 -2.63 -7.73
N ASP B 166 -4.98 -3.25 -8.25
CA ASP B 166 -3.64 -2.87 -7.83
C ASP B 166 -3.36 -1.41 -8.16
N VAL B 167 -3.67 -0.99 -9.39
CA VAL B 167 -3.44 0.40 -9.76
C VAL B 167 -4.34 1.33 -8.95
N TRP B 168 -5.55 0.89 -8.62
CA TRP B 168 -6.45 1.74 -7.84
C TRP B 168 -5.93 1.92 -6.42
N LEU B 169 -5.36 0.87 -5.83
CA LEU B 169 -4.76 1.01 -4.51
C LEU B 169 -3.56 1.94 -4.56
N SER B 170 -2.67 1.75 -5.54
CA SER B 170 -1.48 2.59 -5.62
C SER B 170 -1.84 4.06 -5.81
N ASN B 171 -2.76 4.35 -6.73
CA ASN B 171 -3.15 5.74 -6.97
C ASN B 171 -3.94 6.31 -5.79
N LEU B 172 -4.75 5.48 -5.13
CA LEU B 172 -5.42 5.91 -3.92
C LEU B 172 -4.42 6.34 -2.85
N LEU B 173 -3.34 5.57 -2.68
CA LEU B 173 -2.28 5.98 -1.77
C LEU B 173 -1.61 7.25 -2.22
N ALA B 174 -1.43 7.42 -3.54
CA ALA B 174 -0.81 8.64 -4.05
C ALA B 174 -1.68 9.86 -3.76
N TRP B 175 -3.00 9.69 -3.83
CA TRP B 175 -3.90 10.81 -3.57
C TRP B 175 -3.97 11.13 -2.08
N LEU B 176 -4.14 10.10 -1.24
CA LEU B 176 -4.27 10.33 0.20
C LEU B 176 -3.04 10.99 0.78
N THR B 177 -1.87 10.77 0.20
CA THR B 177 -0.63 11.41 0.63
C THR B 177 -0.38 12.74 -0.06
N ARG B 178 -1.35 13.23 -0.83
CA ARG B 178 -1.29 14.54 -1.48
C ARG B 178 -0.08 14.66 -2.40
N ARG B 179 0.19 13.61 -3.16
CA ARG B 179 1.19 13.65 -4.23
C ARG B 179 0.58 13.31 -5.59
N ALA B 180 -0.75 13.28 -5.69
CA ALA B 180 -1.43 13.07 -6.96
C ALA B 180 -2.85 13.60 -6.83
N SER B 181 -3.26 14.46 -7.75
CA SER B 181 -4.61 15.01 -7.73
C SER B 181 -5.62 13.94 -8.14
N ALA B 182 -6.89 14.18 -7.80
CA ALA B 182 -7.95 13.26 -8.18
C ALA B 182 -8.05 13.14 -9.69
N THR B 183 -7.84 14.25 -10.40
CA THR B 183 -7.77 14.18 -11.86
C THR B 183 -6.61 13.30 -12.31
N ASP B 184 -5.48 13.36 -11.61
CA ASP B 184 -4.36 12.49 -11.92
C ASP B 184 -4.71 11.02 -11.66
N VAL B 185 -5.45 10.75 -10.58
CA VAL B 185 -5.86 9.38 -10.28
C VAL B 185 -6.75 8.84 -11.38
N SER B 186 -7.78 9.61 -11.75
CA SER B 186 -8.66 9.19 -12.83
C SER B 186 -7.90 9.00 -14.14
N LYS B 187 -6.91 9.87 -14.40
CA LYS B 187 -6.15 9.78 -15.64
C LYS B 187 -5.30 8.52 -15.68
N ARG B 188 -4.56 8.24 -14.60
CA ARG B 188 -3.67 7.09 -14.60
C ARG B 188 -4.44 5.78 -14.53
N LEU B 189 -5.61 5.76 -13.88
CA LEU B 189 -6.40 4.53 -13.87
C LEU B 189 -7.13 4.30 -15.20
N ASP B 190 -7.55 5.38 -15.87
CA ASP B 190 -8.05 5.23 -17.23
C ASP B 190 -6.94 4.77 -18.17
N LEU B 191 -5.71 5.21 -17.91
CA LEU B 191 -4.56 4.72 -18.66
C LEU B 191 -4.32 3.24 -18.38
N ALA B 192 -4.58 2.78 -17.16
CA ALA B 192 -4.41 1.37 -16.85
C ALA B 192 -5.48 0.53 -17.54
N VAL B 193 -6.74 0.95 -17.43
CA VAL B 193 -7.82 0.20 -18.08
C VAL B 193 -7.63 0.19 -19.60
N ARG B 194 -7.18 1.31 -20.16
CA ARG B 194 -6.93 1.36 -21.59
C ARG B 194 -5.73 0.47 -21.97
N LEU B 195 -4.72 0.41 -21.11
CA LEU B 195 -3.58 -0.45 -21.38
C LEU B 195 -3.95 -1.92 -21.29
N LEU B 196 -4.96 -2.26 -20.49
CA LEU B 196 -5.38 -3.65 -20.37
C LEU B 196 -6.39 -4.06 -21.43
N ILE B 197 -7.22 -3.13 -21.90
CA ILE B 197 -8.23 -3.44 -22.91
C ILE B 197 -7.72 -3.01 -24.28
N GLY B 198 -6.52 -3.44 -24.64
CA GLY B 198 -5.93 -3.09 -25.91
C GLY B 198 -5.31 -4.27 -26.65
#